data_6LPM
#
_entry.id   6LPM
#
_cell.length_a   57.420
_cell.length_b   58.860
_cell.length_c   74.280
_cell.angle_alpha   90.000
_cell.angle_beta   90.000
_cell.angle_gamma   90.000
#
_symmetry.space_group_name_H-M   'P 21 21 21'
#
loop_
_entity.id
_entity.type
_entity.pdbx_description
1 polymer 'Exodeoxyribonuclease III'
2 water water
#
_entity_poly.entity_id   1
_entity_poly.type   'polypeptide(L)'
_entity_poly.pdbx_seq_one_letter_code
;MSLLAPAQVPGSQSSHALWSAPMSAPAAPPLTGPLKVTTFNVNGLRSALRKGLADWVESNQPDVLLLQEVRAEPMPDALP
GYHSAWFPAQKAGYSGVAILSRLPLKDVRLGMPHDEMDAEGRVVSAVVAGVRFVSVYLPSGSSGEARQGFKDRVLADYQA
WVSELLAAGEPVVIGGDYNIAHREIDLKNWRSNQKNSGFLPHERTWMTAHLAAGLVDCHRDCLGEEAEYTWWSNRANAYA
NNVGWRIDYLLSAGVRVSGVRSDRSVRLSDHAPLTGWVELESE
;
_entity_poly.pdbx_strand_id   A
#
# COMPACT_ATOMS: atom_id res chain seq x y z
N GLY A 33 -22.79 -6.56 5.46
CA GLY A 33 -21.63 -7.24 6.01
C GLY A 33 -20.31 -6.54 5.75
N PRO A 34 -19.22 -7.10 6.27
CA PRO A 34 -17.91 -6.49 6.05
C PRO A 34 -17.41 -6.69 4.63
N LEU A 35 -16.48 -5.82 4.24
CA LEU A 35 -15.87 -5.84 2.92
C LEU A 35 -14.48 -6.45 3.04
N LYS A 36 -14.13 -7.34 2.12
CA LYS A 36 -12.76 -7.83 2.03
C LYS A 36 -11.93 -6.83 1.26
N VAL A 37 -10.86 -6.33 1.88
CA VAL A 37 -9.98 -5.34 1.26
C VAL A 37 -8.59 -5.94 1.12
N THR A 38 -7.99 -5.74 -0.05
CA THR A 38 -6.62 -6.18 -0.34
C THR A 38 -5.83 -4.98 -0.84
N THR A 39 -4.62 -4.82 -0.34
CA THR A 39 -3.64 -3.89 -0.89
C THR A 39 -2.49 -4.70 -1.46
N PHE A 40 -1.96 -4.28 -2.62
CA PHE A 40 -0.95 -5.08 -3.31
C PHE A 40 -0.12 -4.22 -4.24
N ASN A 41 1.20 -4.18 -3.99
CA ASN A 41 2.14 -3.59 -4.95
C ASN A 41 2.45 -4.68 -5.97
N VAL A 42 1.97 -4.49 -7.20
CA VAL A 42 2.03 -5.51 -8.25
C VAL A 42 3.33 -5.54 -9.03
N ASN A 43 4.23 -4.58 -8.82
CA ASN A 43 5.50 -4.53 -9.58
C ASN A 43 5.24 -4.67 -11.09
N GLY A 44 4.31 -3.86 -11.58
CA GLY A 44 3.93 -3.95 -12.98
C GLY A 44 2.72 -4.84 -13.14
N LEU A 45 1.58 -4.25 -13.49
CA LEU A 45 0.32 -4.99 -13.54
C LEU A 45 0.37 -6.11 -14.58
N ARG A 46 0.96 -5.85 -15.75
CA ARG A 46 1.03 -6.90 -16.76
C ARG A 46 1.87 -8.07 -16.28
N SER A 47 2.95 -7.79 -15.57
CA SER A 47 3.77 -8.86 -15.00
C SER A 47 2.99 -9.66 -13.96
N ALA A 48 2.27 -8.96 -13.09
CA ALA A 48 1.47 -9.66 -12.07
C ALA A 48 0.38 -10.51 -12.73
N LEU A 49 -0.24 -10.01 -13.80
CA LEU A 49 -1.26 -10.80 -14.48
C LEU A 49 -0.67 -12.05 -15.11
N ARG A 50 0.50 -11.93 -15.73
CA ARG A 50 1.18 -13.09 -16.29
C ARG A 50 1.50 -14.13 -15.22
N LYS A 51 1.79 -13.69 -14.00
CA LYS A 51 2.09 -14.60 -12.90
C LYS A 51 0.86 -15.17 -12.22
N GLY A 52 -0.33 -14.61 -12.50
CA GLY A 52 -1.57 -15.17 -12.01
C GLY A 52 -2.43 -14.26 -11.16
N LEU A 53 -2.28 -12.94 -11.28
CA LEU A 53 -3.05 -12.04 -10.40
C LEU A 53 -4.55 -12.16 -10.65
N ALA A 54 -4.98 -12.25 -11.91
CA ALA A 54 -6.42 -12.35 -12.16
C ALA A 54 -6.97 -13.66 -11.59
N ASP A 55 -6.18 -14.72 -11.60
CA ASP A 55 -6.61 -15.99 -11.03
C ASP A 55 -6.74 -15.90 -9.53
N TRP A 56 -5.79 -15.21 -8.88
CA TRP A 56 -5.88 -14.95 -7.45
C TRP A 56 -7.14 -14.15 -7.12
N VAL A 57 -7.45 -13.13 -7.93
CA VAL A 57 -8.64 -12.32 -7.69
C VAL A 57 -9.91 -13.15 -7.90
N GLU A 58 -9.93 -14.00 -8.93
CA GLU A 58 -11.10 -14.85 -9.17
C GLU A 58 -11.42 -15.72 -7.96
N SER A 59 -10.39 -16.26 -7.32
CA SER A 59 -10.57 -17.15 -6.18
C SER A 59 -10.88 -16.38 -4.90
N ASN A 60 -10.17 -15.27 -4.67
CA ASN A 60 -10.26 -14.58 -3.39
C ASN A 60 -11.33 -13.50 -3.35
N GLN A 61 -11.68 -12.92 -4.49
CA GLN A 61 -12.78 -11.97 -4.60
C GLN A 61 -12.77 -10.86 -3.57
N PRO A 62 -11.68 -10.09 -3.48
CA PRO A 62 -11.70 -8.91 -2.61
C PRO A 62 -12.81 -7.97 -3.09
N ASP A 63 -13.47 -7.33 -2.13
CA ASP A 63 -14.48 -6.34 -2.47
C ASP A 63 -13.81 -5.05 -2.94
N VAL A 64 -12.65 -4.73 -2.39
CA VAL A 64 -11.89 -3.53 -2.76
C VAL A 64 -10.45 -3.96 -2.92
N LEU A 65 -9.82 -3.58 -4.04
CA LEU A 65 -8.44 -3.91 -4.34
C LEU A 65 -7.68 -2.63 -4.57
N LEU A 66 -6.65 -2.39 -3.76
CA LEU A 66 -5.83 -1.18 -3.84
C LEU A 66 -4.48 -1.60 -4.43
N LEU A 67 -4.14 -1.06 -5.60
CA LEU A 67 -2.93 -1.49 -6.30
C LEU A 67 -1.89 -0.37 -6.33
N GLN A 68 -0.61 -0.75 -6.22
CA GLN A 68 0.50 0.17 -6.37
C GLN A 68 1.49 -0.37 -7.40
N GLU A 69 2.29 0.53 -7.97
CA GLU A 69 3.25 0.21 -9.04
C GLU A 69 2.58 -0.49 -10.21
N VAL A 70 1.45 0.09 -10.65
CA VAL A 70 0.70 -0.47 -11.77
C VAL A 70 1.54 -0.45 -13.03
N ARG A 71 2.29 0.64 -13.25
CA ARG A 71 3.18 0.86 -14.39
C ARG A 71 2.44 1.05 -15.71
N ALA A 72 1.42 0.24 -15.95
CA ALA A 72 0.74 0.19 -17.23
C ALA A 72 -0.23 1.37 -17.36
N GLU A 73 -0.64 1.62 -18.61
CA GLU A 73 -1.80 2.45 -18.84
C GLU A 73 -3.02 1.72 -18.30
N PRO A 74 -4.14 2.41 -18.09
CA PRO A 74 -5.31 1.77 -17.47
C PRO A 74 -5.70 0.47 -18.18
N MET A 75 -6.07 -0.54 -17.40
CA MET A 75 -6.49 -1.84 -17.92
C MET A 75 -7.81 -2.21 -17.25
N PRO A 76 -8.89 -1.50 -17.60
CA PRO A 76 -10.18 -1.75 -16.92
C PRO A 76 -10.79 -3.11 -17.21
N ASP A 77 -10.34 -3.82 -18.25
CA ASP A 77 -10.83 -5.17 -18.53
C ASP A 77 -10.01 -6.27 -17.89
N ALA A 78 -8.95 -5.92 -17.15
CA ALA A 78 -8.02 -6.95 -16.67
C ALA A 78 -8.64 -7.84 -15.60
N LEU A 79 -9.47 -7.29 -14.72
CA LEU A 79 -10.08 -8.07 -13.64
C LEU A 79 -11.59 -8.06 -13.81
N PRO A 80 -12.19 -9.15 -14.28
CA PRO A 80 -13.62 -9.12 -14.58
C PRO A 80 -14.44 -8.84 -13.33
N GLY A 81 -15.52 -8.07 -13.52
CA GLY A 81 -16.43 -7.77 -12.45
C GLY A 81 -15.99 -6.67 -11.51
N TYR A 82 -14.96 -5.90 -11.85
CA TYR A 82 -14.46 -4.82 -11.01
C TYR A 82 -14.58 -3.50 -11.72
N HIS A 83 -15.15 -2.51 -11.04
CA HIS A 83 -15.00 -1.13 -11.47
C HIS A 83 -13.61 -0.67 -11.08
N SER A 84 -13.08 0.32 -11.81
CA SER A 84 -11.70 0.68 -11.62
C SER A 84 -11.50 2.19 -11.79
N ALA A 85 -10.60 2.74 -10.97
CA ALA A 85 -10.07 4.08 -11.15
C ALA A 85 -8.56 3.98 -11.20
N TRP A 86 -7.95 4.70 -12.13
CA TRP A 86 -6.53 4.58 -12.41
C TRP A 86 -5.85 5.94 -12.32
N PHE A 87 -4.67 5.98 -11.71
CA PHE A 87 -3.88 7.20 -11.64
C PHE A 87 -2.44 6.86 -12.06
N PRO A 88 -2.16 6.86 -13.35
CA PRO A 88 -0.79 6.56 -13.81
C PRO A 88 0.12 7.77 -13.66
N ALA A 89 1.40 7.45 -13.56
CA ALA A 89 2.45 8.46 -13.60
C ALA A 89 2.60 9.01 -15.02
N GLN A 90 3.28 10.14 -15.12
CA GLN A 90 3.62 10.69 -16.42
C GLN A 90 4.63 9.79 -17.16
N LYS A 91 5.61 9.25 -16.45
CA LYS A 91 6.62 8.41 -17.07
C LYS A 91 6.07 7.01 -17.35
N ALA A 92 6.29 6.50 -18.56
CA ALA A 92 5.90 5.14 -18.89
C ALA A 92 6.62 4.16 -17.97
N GLY A 93 5.91 3.10 -17.59
CA GLY A 93 6.50 1.99 -16.85
C GLY A 93 6.91 2.33 -15.43
N TYR A 94 6.29 3.35 -14.83
CA TYR A 94 6.79 3.87 -13.58
C TYR A 94 5.63 4.13 -12.65
N SER A 95 5.76 3.65 -11.42
CA SER A 95 4.83 3.98 -10.35
C SER A 95 3.39 3.74 -10.79
N GLY A 96 2.47 4.61 -10.41
CA GLY A 96 1.07 4.41 -10.77
C GLY A 96 0.29 3.65 -9.72
N VAL A 97 -0.93 4.11 -9.43
CA VAL A 97 -1.78 3.45 -8.44
C VAL A 97 -3.17 3.29 -9.03
N ALA A 98 -3.96 2.42 -8.39
CA ALA A 98 -5.30 2.15 -8.87
C ALA A 98 -6.16 1.67 -7.70
N ILE A 99 -7.47 1.86 -7.83
CA ILE A 99 -8.46 1.30 -6.91
C ILE A 99 -9.49 0.54 -7.72
N LEU A 100 -9.73 -0.72 -7.37
CA LEU A 100 -10.74 -1.53 -8.03
C LEU A 100 -11.75 -2.00 -7.00
N SER A 101 -13.01 -2.13 -7.41
CA SER A 101 -14.04 -2.53 -6.46
C SER A 101 -15.16 -3.28 -7.17
N ARG A 102 -15.75 -4.24 -6.45
CA ARG A 102 -16.98 -4.86 -6.91
C ARG A 102 -18.19 -3.98 -6.70
N LEU A 103 -18.14 -3.05 -5.75
CA LEU A 103 -19.21 -2.09 -5.56
C LEU A 103 -18.86 -0.79 -6.27
N PRO A 104 -19.87 0.04 -6.61
CA PRO A 104 -19.57 1.27 -7.34
C PRO A 104 -18.66 2.21 -6.54
N LEU A 105 -17.82 2.92 -7.28
CA LEU A 105 -16.96 3.94 -6.72
C LEU A 105 -17.72 5.26 -6.66
N LYS A 106 -17.30 6.12 -5.73
CA LYS A 106 -17.88 7.45 -5.60
C LYS A 106 -16.77 8.44 -5.28
N ASP A 107 -16.88 9.64 -5.87
CA ASP A 107 -15.96 10.73 -5.60
C ASP A 107 -14.51 10.29 -5.74
N VAL A 108 -14.19 9.75 -6.92
CA VAL A 108 -12.82 9.38 -7.23
C VAL A 108 -11.95 10.63 -7.27
N ARG A 109 -10.90 10.64 -6.47
CA ARG A 109 -9.97 11.76 -6.42
C ARG A 109 -8.61 11.28 -6.92
N LEU A 110 -8.09 11.97 -7.92
CA LEU A 110 -6.82 11.62 -8.56
C LEU A 110 -5.75 12.56 -8.02
N GLY A 111 -4.84 12.02 -7.23
CA GLY A 111 -3.78 12.83 -6.67
C GLY A 111 -4.19 13.52 -5.38
N MET A 112 -3.33 14.41 -4.94
CA MET A 112 -3.50 14.98 -3.60
C MET A 112 -4.35 16.25 -3.50
N PRO A 113 -4.04 17.34 -4.22
CA PRO A 113 -3.01 17.58 -5.23
C PRO A 113 -1.66 17.97 -4.64
N HIS A 114 -0.62 17.64 -5.40
CA HIS A 114 0.76 17.92 -5.06
C HIS A 114 1.54 17.73 -6.35
N ASP A 115 2.33 18.73 -6.75
CA ASP A 115 2.94 18.73 -8.09
C ASP A 115 3.71 17.45 -8.37
N GLU A 116 4.68 17.13 -7.51
CA GLU A 116 5.56 16.00 -7.79
C GLU A 116 4.89 14.65 -7.52
N MET A 117 4.12 14.54 -6.44
CA MET A 117 3.48 13.25 -6.17
C MET A 117 2.42 12.92 -7.21
N ASP A 118 1.74 13.94 -7.74
CA ASP A 118 0.77 13.71 -8.80
C ASP A 118 1.45 13.32 -10.10
N ALA A 119 2.55 14.00 -10.46
CA ALA A 119 3.27 13.63 -11.67
C ALA A 119 3.73 12.18 -11.61
N GLU A 120 4.01 11.67 -10.41
CA GLU A 120 4.49 10.30 -10.27
C GLU A 120 3.37 9.30 -10.00
N GLY A 121 2.10 9.73 -10.07
CA GLY A 121 0.97 8.83 -9.94
C GLY A 121 0.93 8.05 -8.64
N ARG A 122 1.00 8.74 -7.50
CA ARG A 122 1.26 8.08 -6.23
C ARG A 122 0.08 7.98 -5.27
N VAL A 123 -1.00 8.73 -5.47
CA VAL A 123 -2.15 8.71 -4.57
C VAL A 123 -3.46 8.75 -5.35
N VAL A 124 -4.36 7.81 -5.05
CA VAL A 124 -5.71 7.82 -5.59
C VAL A 124 -6.67 7.41 -4.48
N SER A 125 -7.89 7.95 -4.51
CA SER A 125 -8.87 7.56 -3.51
C SER A 125 -10.27 7.53 -4.10
N ALA A 126 -11.15 6.80 -3.42
CA ALA A 126 -12.56 6.73 -3.78
C ALA A 126 -13.33 6.25 -2.57
N VAL A 127 -14.62 6.55 -2.55
CA VAL A 127 -15.52 6.09 -1.50
C VAL A 127 -16.24 4.86 -2.00
N VAL A 128 -16.23 3.81 -1.19
CA VAL A 128 -16.95 2.57 -1.46
C VAL A 128 -17.67 2.23 -0.17
N ALA A 129 -18.99 2.06 -0.24
CA ALA A 129 -19.79 1.66 0.91
C ALA A 129 -19.57 2.58 2.11
N GLY A 130 -19.42 3.88 1.83
CA GLY A 130 -19.29 4.86 2.90
C GLY A 130 -17.91 5.02 3.49
N VAL A 131 -16.91 4.33 2.96
CA VAL A 131 -15.55 4.39 3.47
C VAL A 131 -14.65 4.97 2.38
N ARG A 132 -13.80 5.91 2.76
CA ARG A 132 -12.81 6.48 1.86
C ARG A 132 -11.61 5.54 1.80
N PHE A 133 -11.41 4.90 0.65
CA PHE A 133 -10.26 4.03 0.43
C PHE A 133 -9.22 4.79 -0.37
N VAL A 134 -7.97 4.69 0.07
CA VAL A 134 -6.84 5.38 -0.57
C VAL A 134 -5.80 4.34 -0.94
N SER A 135 -5.28 4.40 -2.16
CA SER A 135 -4.12 3.59 -2.56
C SER A 135 -2.94 4.53 -2.70
N VAL A 136 -1.86 4.24 -1.99
CA VAL A 136 -0.72 5.15 -1.90
C VAL A 136 0.57 4.39 -2.16
N TYR A 137 1.45 4.98 -2.96
CA TYR A 137 2.78 4.43 -3.25
C TYR A 137 3.80 5.51 -2.92
N LEU A 138 4.47 5.38 -1.74
CA LEU A 138 5.47 6.38 -1.37
C LEU A 138 6.81 6.03 -2.01
N PRO A 139 7.63 7.02 -2.36
CA PRO A 139 8.86 6.74 -3.12
C PRO A 139 9.93 6.05 -2.28
N SER A 140 10.72 5.21 -2.95
CA SER A 140 11.92 4.66 -2.34
C SER A 140 13.05 5.68 -2.41
N GLY A 141 13.84 5.74 -1.35
CA GLY A 141 15.05 6.54 -1.37
C GLY A 141 16.31 5.73 -1.56
N SER A 142 16.17 4.47 -1.98
CA SER A 142 17.31 3.56 -2.05
C SER A 142 18.35 3.96 -3.10
N SER A 143 17.96 4.67 -4.15
CA SER A 143 18.87 4.94 -5.26
C SER A 143 19.95 5.98 -4.93
N GLY A 144 19.79 6.76 -3.87
CA GLY A 144 20.82 7.70 -3.50
C GLY A 144 20.24 8.92 -2.80
N GLU A 145 21.14 9.89 -2.56
CA GLU A 145 20.81 11.10 -1.82
C GLU A 145 19.63 11.84 -2.45
N ALA A 146 19.63 11.97 -3.77
CA ALA A 146 18.60 12.75 -4.46
C ALA A 146 17.21 12.23 -4.14
N ARG A 147 16.98 10.93 -4.31
CA ARG A 147 15.65 10.40 -4.05
C ARG A 147 15.37 10.26 -2.55
N GLN A 148 16.39 10.10 -1.71
CA GLN A 148 16.13 10.11 -0.27
C GLN A 148 15.63 11.48 0.18
N GLY A 149 16.27 12.55 -0.28
CA GLY A 149 15.81 13.88 0.05
C GLY A 149 14.42 14.17 -0.49
N PHE A 150 14.15 13.69 -1.71
CA PHE A 150 12.79 13.77 -2.26
C PHE A 150 11.81 13.07 -1.35
N LYS A 151 12.13 11.84 -0.94
CA LYS A 151 11.24 11.08 -0.08
C LYS A 151 10.97 11.80 1.24
N ASP A 152 12.03 12.28 1.89
CA ASP A 152 11.87 13.00 3.15
C ASP A 152 10.92 14.20 2.97
N ARG A 153 11.10 14.95 1.90
CA ARG A 153 10.31 16.16 1.66
C ARG A 153 8.85 15.81 1.39
N VAL A 154 8.59 14.88 0.46
CA VAL A 154 7.20 14.61 0.10
C VAL A 154 6.45 13.88 1.21
N LEU A 155 7.16 13.17 2.10
CA LEU A 155 6.48 12.52 3.21
C LEU A 155 5.95 13.53 4.22
N ALA A 156 6.60 14.69 4.36
CA ALA A 156 6.02 15.77 5.15
C ALA A 156 4.74 16.28 4.50
N ASP A 157 4.76 16.45 3.17
CA ASP A 157 3.54 16.90 2.50
C ASP A 157 2.45 15.84 2.55
N TYR A 158 2.83 14.57 2.45
CA TYR A 158 1.84 13.50 2.55
C TYR A 158 1.23 13.44 3.94
N GLN A 159 2.05 13.63 4.98
CA GLN A 159 1.51 13.67 6.33
C GLN A 159 0.50 14.79 6.49
N ALA A 160 0.80 15.98 5.95
CA ALA A 160 -0.15 17.08 6.02
C ALA A 160 -1.47 16.70 5.34
N TRP A 161 -1.38 16.04 4.19
CA TRP A 161 -2.59 15.66 3.47
C TRP A 161 -3.39 14.64 4.26
N VAL A 162 -2.72 13.65 4.85
CA VAL A 162 -3.44 12.64 5.62
C VAL A 162 -4.09 13.25 6.86
N SER A 163 -3.37 14.13 7.55
CA SER A 163 -3.93 14.74 8.76
C SER A 163 -5.17 15.57 8.44
N GLU A 164 -5.16 16.28 7.31
CA GLU A 164 -6.38 16.99 6.91
C GLU A 164 -7.50 16.01 6.57
N LEU A 165 -7.16 14.90 5.92
CA LEU A 165 -8.18 13.90 5.60
C LEU A 165 -8.80 13.32 6.87
N LEU A 166 -7.99 13.08 7.90
CA LEU A 166 -8.51 12.58 9.17
C LEU A 166 -9.36 13.61 9.88
N ALA A 167 -9.00 14.89 9.76
CA ALA A 167 -9.80 15.93 10.40
C ALA A 167 -11.19 16.03 9.78
N ALA A 168 -11.32 15.72 8.49
CA ALA A 168 -12.64 15.70 7.87
C ALA A 168 -13.57 14.74 8.58
N GLY A 169 -13.02 13.65 9.13
CA GLY A 169 -13.75 12.78 10.04
C GLY A 169 -14.51 11.62 9.42
N GLU A 170 -14.45 11.44 8.09
CA GLU A 170 -15.10 10.30 7.48
C GLU A 170 -14.20 9.07 7.61
N PRO A 171 -14.77 7.87 7.68
CA PRO A 171 -13.93 6.67 7.83
C PRO A 171 -12.97 6.52 6.66
N VAL A 172 -11.75 6.08 6.96
CA VAL A 172 -10.69 6.01 5.95
C VAL A 172 -9.93 4.70 6.11
N VAL A 173 -9.61 4.09 4.98
CA VAL A 173 -8.69 2.95 4.92
C VAL A 173 -7.64 3.28 3.90
N ILE A 174 -6.37 3.27 4.32
CA ILE A 174 -5.22 3.51 3.44
C ILE A 174 -4.53 2.18 3.19
N GLY A 175 -4.39 1.83 1.91
CA GLY A 175 -3.58 0.69 1.51
C GLY A 175 -2.36 1.23 0.80
N GLY A 176 -1.17 0.95 1.31
CA GLY A 176 -0.01 1.60 0.72
C GLY A 176 1.26 0.83 0.84
N ASP A 177 2.12 0.98 -0.17
CA ASP A 177 3.54 0.66 -0.05
C ASP A 177 4.20 1.95 0.43
N TYR A 178 4.57 1.97 1.70
CA TYR A 178 5.20 3.13 2.31
C TYR A 178 6.72 3.13 2.20
N ASN A 179 7.33 1.99 1.86
CA ASN A 179 8.78 1.91 1.78
C ASN A 179 9.43 2.29 3.11
N ILE A 180 8.74 2.01 4.21
CA ILE A 180 9.28 2.23 5.55
C ILE A 180 8.87 1.04 6.42
N ALA A 181 9.84 0.47 7.13
CA ALA A 181 9.58 -0.49 8.19
C ALA A 181 9.65 0.24 9.53
N HIS A 182 8.70 -0.07 10.42
CA HIS A 182 8.49 0.77 11.60
C HIS A 182 9.42 0.41 12.76
N ARG A 183 9.39 -0.85 13.20
CA ARG A 183 10.14 -1.29 14.38
C ARG A 183 11.02 -2.48 14.00
N GLU A 184 11.86 -2.91 14.95
CA GLU A 184 12.77 -4.02 14.67
C GLU A 184 12.03 -5.27 14.22
N ILE A 185 10.85 -5.53 14.80
CA ILE A 185 10.06 -6.70 14.45
C ILE A 185 9.65 -6.69 12.98
N ASP A 186 9.70 -5.53 12.33
CA ASP A 186 9.15 -5.38 10.99
C ASP A 186 10.13 -5.73 9.87
N LEU A 187 11.35 -6.13 10.20
CA LEU A 187 12.24 -6.65 9.16
C LEU A 187 13.20 -7.63 9.79
N LYS A 188 13.48 -8.71 9.06
CA LYS A 188 14.36 -9.74 9.60
C LYS A 188 15.75 -9.19 9.87
N ASN A 189 16.32 -8.47 8.91
CA ASN A 189 17.70 -7.98 9.02
C ASN A 189 17.75 -6.57 9.56
N TRP A 190 17.08 -6.31 10.68
CA TRP A 190 17.00 -4.93 11.17
C TRP A 190 18.37 -4.41 11.59
N ARG A 191 19.21 -5.29 12.16
CA ARG A 191 20.51 -4.85 12.66
C ARG A 191 21.40 -4.34 11.53
N SER A 192 21.19 -4.84 10.32
CA SER A 192 22.00 -4.49 9.16
C SER A 192 21.40 -3.38 8.31
N ASN A 193 20.30 -2.76 8.74
CA ASN A 193 19.65 -1.77 7.91
C ASN A 193 19.29 -0.48 8.63
N GLN A 194 19.86 -0.26 9.82
CA GLN A 194 19.55 0.98 10.55
C GLN A 194 20.09 2.22 9.86
N LYS A 195 21.04 2.07 8.93
CA LYS A 195 21.54 3.19 8.14
C LYS A 195 21.12 3.12 6.68
N ASN A 196 20.12 2.30 6.36
CA ASN A 196 19.63 2.16 5.00
C ASN A 196 18.23 2.74 4.85
N SER A 197 17.98 3.32 3.67
CA SER A 197 16.67 3.86 3.33
C SER A 197 15.60 2.82 3.58
N GLY A 198 14.52 3.25 4.24
CA GLY A 198 13.46 2.37 4.63
C GLY A 198 13.47 2.01 6.10
N PHE A 199 14.62 2.15 6.77
CA PHE A 199 14.71 1.89 8.21
C PHE A 199 15.55 2.94 8.92
N LEU A 200 15.65 4.13 8.36
CA LEU A 200 16.44 5.18 8.98
C LEU A 200 15.73 5.70 10.21
N PRO A 201 16.48 6.18 11.21
CA PRO A 201 15.84 6.65 12.45
C PRO A 201 14.71 7.64 12.23
N HIS A 202 14.92 8.65 11.38
CA HIS A 202 13.86 9.64 11.17
C HIS A 202 12.66 9.05 10.45
N GLU A 203 12.84 7.97 9.69
CA GLU A 203 11.70 7.37 9.02
C GLU A 203 10.88 6.55 10.00
N ARG A 204 11.55 5.88 10.94
CA ARG A 204 10.82 5.16 11.97
C ARG A 204 10.03 6.14 12.83
N THR A 205 10.66 7.26 13.20
CA THR A 205 9.97 8.31 13.94
C THR A 205 8.80 8.89 13.15
N TRP A 206 8.96 9.06 11.84
CA TRP A 206 7.86 9.53 11.01
C TRP A 206 6.68 8.57 11.09
N MET A 207 6.94 7.27 11.02
CA MET A 207 5.86 6.30 11.07
C MET A 207 5.14 6.32 12.42
N THR A 208 5.89 6.45 13.53
CA THR A 208 5.26 6.59 14.83
C THR A 208 4.30 7.77 14.84
N ALA A 209 4.73 8.91 14.30
CA ALA A 209 3.90 10.11 14.28
C ALA A 209 2.71 9.94 13.35
N HIS A 210 2.91 9.21 12.24
CA HIS A 210 1.82 8.94 11.31
C HIS A 210 0.70 8.18 12.00
N LEU A 211 1.06 7.14 12.75
CA LEU A 211 0.03 6.39 13.46
C LEU A 211 -0.58 7.22 14.59
N ALA A 212 0.23 8.02 15.28
CA ALA A 212 -0.28 8.80 16.41
C ALA A 212 -1.27 9.88 15.98
N ALA A 213 -1.22 10.32 14.73
CA ALA A 213 -2.17 11.31 14.26
C ALA A 213 -3.59 10.75 14.14
N GLY A 214 -3.76 9.44 14.25
CA GLY A 214 -5.09 8.85 14.29
C GLY A 214 -5.31 7.68 13.35
N LEU A 215 -4.28 6.87 13.09
CA LEU A 215 -4.41 5.70 12.24
C LEU A 215 -3.98 4.46 13.00
N VAL A 216 -4.71 3.38 12.82
CA VAL A 216 -4.36 2.08 13.37
C VAL A 216 -3.57 1.31 12.30
N ASP A 217 -2.42 0.74 12.70
CA ASP A 217 -1.64 -0.17 11.85
C ASP A 217 -2.32 -1.53 11.94
N CYS A 218 -3.16 -1.86 10.95
CA CYS A 218 -4.07 -2.99 11.11
C CYS A 218 -3.36 -4.33 11.08
N HIS A 219 -2.33 -4.48 10.24
CA HIS A 219 -1.58 -5.73 10.23
C HIS A 219 -0.90 -5.97 11.58
N ARG A 220 -0.24 -4.93 12.11
CA ARG A 220 0.39 -5.07 13.41
C ARG A 220 -0.62 -5.35 14.52
N ASP A 221 -1.77 -4.68 14.49
CA ASP A 221 -2.81 -4.99 15.46
C ASP A 221 -3.22 -6.46 15.39
N CYS A 222 -3.36 -7.00 14.17
CA CYS A 222 -3.82 -8.38 14.01
C CYS A 222 -2.72 -9.39 14.31
N LEU A 223 -1.46 -8.99 14.22
CA LEU A 223 -0.34 -9.89 14.47
C LEU A 223 0.09 -9.95 15.93
N GLY A 224 -0.25 -8.93 16.72
CA GLY A 224 0.36 -8.84 18.04
C GLY A 224 1.85 -8.63 17.89
N GLU A 225 2.63 -9.49 18.54
CA GLU A 225 4.09 -9.42 18.46
C GLU A 225 4.67 -10.36 17.41
N GLU A 226 3.84 -11.05 16.63
CA GLU A 226 4.35 -12.01 15.68
C GLU A 226 4.96 -11.29 14.48
N ALA A 227 5.98 -11.91 13.90
CA ALA A 227 6.69 -11.32 12.76
C ALA A 227 6.08 -11.85 11.47
N GLU A 228 5.75 -10.93 10.57
CA GLU A 228 5.26 -11.26 9.24
C GLU A 228 5.67 -10.13 8.31
N TYR A 229 6.10 -10.47 7.10
CA TYR A 229 6.60 -9.48 6.15
C TYR A 229 5.68 -9.37 4.95
N THR A 230 5.93 -8.35 4.13
CA THR A 230 5.16 -8.13 2.91
C THR A 230 6.03 -8.00 1.68
N TRP A 231 7.36 -7.98 1.81
CA TRP A 231 8.28 -7.84 0.69
C TRP A 231 9.50 -8.70 0.96
N TRP A 232 9.99 -9.37 -0.09
CA TRP A 232 11.22 -10.14 -0.04
C TRP A 232 11.98 -9.88 -1.32
N SER A 233 13.29 -9.69 -1.22
CA SER A 233 14.04 -9.47 -2.46
C SER A 233 14.06 -10.74 -3.31
N ASN A 234 14.40 -10.56 -4.58
CA ASN A 234 14.56 -11.68 -5.50
C ASN A 234 15.94 -12.29 -5.44
N ARG A 235 16.80 -11.82 -4.55
CA ARG A 235 18.19 -12.27 -4.48
C ARG A 235 18.35 -13.37 -3.45
N ALA A 236 19.01 -14.46 -3.87
CA ALA A 236 19.66 -15.41 -2.95
C ALA A 236 18.71 -16.00 -1.91
N ASN A 237 17.66 -16.68 -2.40
CA ASN A 237 16.75 -17.47 -1.56
C ASN A 237 16.05 -16.65 -0.48
N ALA A 238 15.96 -15.33 -0.65
CA ALA A 238 15.39 -14.50 0.41
C ALA A 238 13.92 -14.82 0.65
N TYR A 239 13.17 -15.08 -0.42
CA TYR A 239 11.76 -15.41 -0.26
C TYR A 239 11.56 -16.73 0.48
N ALA A 240 12.28 -17.77 0.06
CA ALA A 240 12.11 -19.07 0.70
C ALA A 240 12.57 -19.03 2.15
N ASN A 241 13.62 -18.26 2.45
CA ASN A 241 14.12 -18.14 3.81
C ASN A 241 13.34 -17.10 4.63
N ASN A 242 12.34 -16.46 4.04
CA ASN A 242 11.52 -15.46 4.75
C ASN A 242 12.38 -14.30 5.28
N VAL A 243 13.37 -13.88 4.50
CA VAL A 243 14.17 -12.70 4.83
C VAL A 243 13.44 -11.52 4.19
N GLY A 244 12.60 -10.85 4.98
CA GLY A 244 11.65 -9.91 4.41
C GLY A 244 11.56 -8.63 5.22
N TRP A 245 10.73 -7.72 4.71
CA TRP A 245 10.43 -6.44 5.33
C TRP A 245 8.92 -6.26 5.30
N ARG A 246 8.37 -5.66 6.35
CA ARG A 246 6.97 -5.24 6.35
C ARG A 246 6.94 -3.76 5.98
N ILE A 247 6.68 -3.48 4.71
CA ILE A 247 6.65 -2.10 4.21
C ILE A 247 5.33 -1.75 3.54
N ASP A 248 4.42 -2.70 3.43
CA ASP A 248 3.08 -2.43 2.94
C ASP A 248 2.14 -2.45 4.14
N TYR A 249 1.12 -1.59 4.11
CA TYR A 249 0.27 -1.36 5.27
C TYR A 249 -1.20 -1.28 4.87
N LEU A 250 -2.04 -1.67 5.82
CA LEU A 250 -3.45 -1.30 5.84
C LEU A 250 -3.62 -0.46 7.10
N LEU A 251 -3.93 0.82 6.90
CA LEU A 251 -4.09 1.76 8.00
C LEU A 251 -5.53 2.23 8.03
N SER A 252 -6.11 2.37 9.23
CA SER A 252 -7.53 2.67 9.29
C SER A 252 -7.84 3.74 10.33
N ALA A 253 -8.90 4.49 10.07
CA ALA A 253 -9.49 5.38 11.07
C ALA A 253 -11.00 5.31 10.94
N GLY A 254 -11.68 5.26 12.08
CA GLY A 254 -13.13 5.29 12.06
C GLY A 254 -13.79 4.00 11.62
N VAL A 255 -13.00 2.95 11.40
CA VAL A 255 -13.54 1.64 11.05
C VAL A 255 -12.46 0.63 11.39
N ARG A 256 -12.88 -0.55 11.84
CA ARG A 256 -11.93 -1.60 12.19
C ARG A 256 -11.67 -2.50 10.99
N VAL A 257 -10.40 -2.81 10.76
CA VAL A 257 -9.98 -3.79 9.75
C VAL A 257 -9.32 -4.95 10.49
N SER A 258 -9.92 -6.13 10.41
CA SER A 258 -9.51 -7.30 11.18
C SER A 258 -9.13 -8.45 10.26
N GLY A 259 -8.52 -9.48 10.85
CA GLY A 259 -8.12 -10.64 10.08
C GLY A 259 -7.03 -10.41 9.06
N VAL A 260 -6.24 -9.36 9.22
CA VAL A 260 -5.27 -8.94 8.21
C VAL A 260 -4.05 -9.86 8.25
N ARG A 261 -3.68 -10.40 7.09
CA ARG A 261 -2.45 -11.19 6.94
C ARG A 261 -1.91 -11.02 5.54
N SER A 262 -0.59 -11.24 5.40
CA SER A 262 0.04 -11.37 4.09
C SER A 262 -0.29 -12.74 3.52
N ASP A 263 -0.51 -12.80 2.19
CA ASP A 263 -0.72 -14.07 1.50
C ASP A 263 0.58 -14.49 0.83
N ARG A 264 1.21 -15.56 1.35
CA ARG A 264 2.44 -16.09 0.79
C ARG A 264 2.22 -17.34 -0.07
N SER A 265 0.98 -17.69 -0.37
CA SER A 265 0.73 -18.87 -1.19
C SER A 265 1.00 -18.61 -2.67
N VAL A 266 1.26 -17.35 -3.05
CA VAL A 266 1.51 -16.96 -4.43
C VAL A 266 2.71 -16.03 -4.45
N ARG A 267 3.39 -15.99 -5.59
CA ARG A 267 4.51 -15.09 -5.84
C ARG A 267 4.17 -14.31 -7.11
N LEU A 268 3.31 -13.30 -6.96
CA LEU A 268 2.83 -12.50 -8.08
C LEU A 268 3.68 -11.25 -8.33
N SER A 269 4.58 -10.94 -7.41
CA SER A 269 5.48 -9.79 -7.48
C SER A 269 6.47 -9.96 -6.32
N ASP A 270 7.33 -8.97 -6.11
CA ASP A 270 8.23 -9.06 -4.95
C ASP A 270 7.49 -8.90 -3.63
N HIS A 271 6.26 -8.40 -3.68
CA HIS A 271 5.43 -8.20 -2.51
C HIS A 271 4.39 -9.31 -2.41
N ALA A 272 3.79 -9.42 -1.23
CA ALA A 272 2.63 -10.26 -1.04
C ALA A 272 1.37 -9.42 -0.91
N PRO A 273 0.24 -9.90 -1.41
CA PRO A 273 -1.03 -9.21 -1.13
C PRO A 273 -1.30 -9.19 0.36
N LEU A 274 -1.84 -8.07 0.85
CA LEU A 274 -2.20 -7.91 2.25
C LEU A 274 -3.70 -7.68 2.31
N THR A 275 -4.42 -8.56 3.02
CA THR A 275 -5.88 -8.65 2.93
C THR A 275 -6.50 -8.74 4.31
N GLY A 276 -7.61 -8.04 4.52
CA GLY A 276 -8.39 -8.22 5.73
C GLY A 276 -9.84 -7.84 5.51
N TRP A 277 -10.58 -7.79 6.60
CA TRP A 277 -12.02 -7.52 6.58
C TRP A 277 -12.28 -6.14 7.18
N VAL A 278 -12.98 -5.29 6.44
CA VAL A 278 -13.35 -3.96 6.92
C VAL A 278 -14.75 -4.08 7.49
N GLU A 279 -14.88 -3.84 8.79
CA GLU A 279 -16.14 -4.06 9.51
C GLU A 279 -16.96 -2.79 9.39
N LEU A 280 -17.78 -2.72 8.35
CA LEU A 280 -18.65 -1.56 8.14
C LEU A 280 -19.65 -1.44 9.28
N GLU A 281 -20.09 -0.21 9.53
CA GLU A 281 -21.03 0.06 10.60
C GLU A 281 -22.34 0.62 10.06
#